data_6ZIX
#
_entry.id   6ZIX
#
_cell.length_a   183.220
_cell.length_b   183.220
_cell.length_c   84.143
_cell.angle_alpha   90.000
_cell.angle_beta   90.000
_cell.angle_gamma   120.000
#
_symmetry.space_group_name_H-M   'H 3'
#
loop_
_entity.id
_entity.type
_entity.pdbx_description
1 polymer 'Transcriptional regulatory protein RcsB'
2 polymer 'P1flhDC promoter sequence of 23 bp'
3 polymer 'P1flhDC promoter sequence of 23 bp'
4 non-polymer 'MAGNESIUM ION'
5 non-polymer 'BERYLLIUM TRIFLUORIDE ION'
6 water water
#
loop_
_entity_poly.entity_id
_entity_poly.type
_entity_poly.pdbx_seq_one_letter_code
_entity_poly.pdbx_strand_id
1 'polypeptide(L)'
;MNNMNVIIADDHPIVLFGIRKSLEQIEWVNVVGEFEDSTALINNLPKLDAHVLITDLSMPGDKYGDGITLIKYIKRHFPS
LSIIVLTMNNNPAILSAVLDLDIEGIVLKQGAPTDLPKALAALQKGKKFTPESVSRLLEKISAGGYGDKRLSPKESEVLR
LFAEGFLVTEIAKKLNRSIKTISSQKKSAMMKLGVENDIALLNYLSSVTLSPTDKE
;
B,A
2 'polydeoxyribonucleotide'
;(DC)(DG)(DA)(DA)(DT)(DT)(DA)(DG)(DG)(DA)(DA)(DA)(DA)(DA)(DT)(DC)(DT)(DT)(DA)(DG)
(DG)(DC)(DG)
;
E
3 'polydeoxyribonucleotide'
;(DC)(DG)(DC)(DC)(DT)(DA)(DA)(DG)(DA)(DT)(DT)(DT)(DT)(DT)(DC)(DC)(DT)(DA)(DA)(DT)
(DT)(DC)(DG)
;
F
#
# COMPACT_ATOMS: atom_id res chain seq x y z
N ASN A 2 27.19 19.80 8.30
CA ASN A 2 27.13 18.78 9.40
C ASN A 2 26.57 17.47 8.84
N ASN A 3 27.29 16.35 9.07
CA ASN A 3 26.90 14.98 8.66
C ASN A 3 25.96 14.37 9.71
N MET A 4 24.75 13.98 9.31
CA MET A 4 23.65 13.50 10.19
C MET A 4 23.61 11.96 10.17
N ASN A 5 23.11 11.36 11.27
CA ASN A 5 22.94 9.89 11.46
C ASN A 5 21.46 9.51 11.26
N VAL A 6 21.15 8.77 10.20
CA VAL A 6 19.75 8.47 9.74
C VAL A 6 19.40 7.01 10.06
N ILE A 7 18.11 6.74 10.32
CA ILE A 7 17.52 5.37 10.44
C ILE A 7 16.50 5.21 9.31
N ILE A 8 16.22 3.96 8.92
CA ILE A 8 15.14 3.59 7.95
C ILE A 8 14.24 2.53 8.62
N ALA A 9 12.93 2.62 8.40
CA ALA A 9 11.91 1.70 8.97
C ALA A 9 10.79 1.46 7.94
N ASP A 10 10.71 0.23 7.41
CA ASP A 10 9.60 -0.24 6.53
C ASP A 10 9.65 -1.78 6.46
N ASP A 11 8.47 -2.41 6.42
CA ASP A 11 8.30 -3.89 6.38
C ASP A 11 8.79 -4.43 5.02
N HIS A 12 8.50 -3.71 3.93
CA HIS A 12 8.91 -4.07 2.55
C HIS A 12 10.41 -3.85 2.39
N PRO A 13 11.24 -4.91 2.35
CA PRO A 13 12.69 -4.76 2.31
C PRO A 13 13.19 -4.21 0.96
N ILE A 14 12.38 -4.36 -0.09
CA ILE A 14 12.65 -3.84 -1.46
C ILE A 14 12.52 -2.31 -1.41
N VAL A 15 11.55 -1.81 -0.64
CA VAL A 15 11.35 -0.36 -0.33
C VAL A 15 12.52 0.09 0.56
N LEU A 16 12.92 -0.75 1.51
CA LEU A 16 14.07 -0.53 2.43
C LEU A 16 15.36 -0.43 1.61
N PHE A 17 15.51 -1.29 0.59
CA PHE A 17 16.68 -1.34 -0.32
C PHE A 17 16.82 -0.02 -1.06
N GLY A 18 15.73 0.45 -1.70
CA GLY A 18 15.67 1.73 -2.43
C GLY A 18 16.05 2.91 -1.54
N ILE A 19 15.37 3.05 -0.39
CA ILE A 19 15.58 4.11 0.62
C ILE A 19 17.03 4.06 1.14
N ARG A 20 17.61 2.86 1.25
CA ARG A 20 19.00 2.61 1.71
C ARG A 20 19.99 3.02 0.61
N LYS A 21 19.73 2.59 -0.63
CA LYS A 21 20.57 2.87 -1.83
C LYS A 21 20.48 4.37 -2.17
N SER A 22 19.32 4.99 -1.92
CA SER A 22 19.03 6.41 -2.24
C SER A 22 19.93 7.35 -1.42
N LEU A 23 20.17 7.02 -0.14
CA LEU A 23 20.88 7.88 0.83
C LEU A 23 22.40 7.79 0.63
N GLU A 24 22.86 6.83 -0.18
CA GLU A 24 24.30 6.66 -0.56
C GLU A 24 24.71 7.80 -1.48
N GLN A 25 23.79 8.28 -2.33
CA GLN A 25 24.02 9.37 -3.33
C GLN A 25 24.44 10.66 -2.62
N ILE A 26 24.07 10.82 -1.34
CA ILE A 26 24.37 12.03 -0.51
C ILE A 26 25.63 11.76 0.33
N GLU A 27 26.63 12.65 0.22
CA GLU A 27 28.00 12.47 0.75
C GLU A 27 28.04 12.68 2.27
N TRP A 28 27.12 13.50 2.81
CA TRP A 28 27.07 13.86 4.26
C TRP A 28 26.13 12.91 5.02
N VAL A 29 25.31 12.15 4.30
CA VAL A 29 24.25 11.25 4.88
C VAL A 29 24.87 9.89 5.21
N ASN A 30 24.48 9.35 6.37
CA ASN A 30 24.93 8.04 6.92
C ASN A 30 23.74 7.30 7.52
N VAL A 31 23.52 6.04 7.13
CA VAL A 31 22.42 5.15 7.61
C VAL A 31 22.97 4.26 8.73
N VAL A 32 22.38 4.32 9.93
CA VAL A 32 22.88 3.62 11.16
C VAL A 32 22.03 2.36 11.42
N GLY A 33 20.78 2.32 10.94
CA GLY A 33 19.84 1.20 11.20
C GLY A 33 18.85 0.98 10.07
N GLU A 34 18.28 -0.23 10.02
CA GLU A 34 17.19 -0.62 9.07
C GLU A 34 16.29 -1.62 9.81
N PHE A 35 14.98 -1.36 9.88
CA PHE A 35 13.99 -2.11 10.70
C PHE A 35 12.74 -2.47 9.88
N GLU A 36 12.06 -3.55 10.29
CA GLU A 36 10.94 -4.17 9.55
C GLU A 36 9.62 -4.10 10.35
N ASP A 37 9.64 -3.62 11.60
CA ASP A 37 8.40 -3.47 12.43
C ASP A 37 8.64 -2.46 13.57
N SER A 38 7.55 -2.13 14.28
CA SER A 38 7.53 -1.21 15.46
C SER A 38 8.41 -1.79 16.58
N THR A 39 8.03 -2.97 17.08
CA THR A 39 8.70 -3.71 18.18
C THR A 39 10.22 -3.53 18.08
N ALA A 40 10.80 -3.74 16.90
CA ALA A 40 12.26 -3.70 16.63
C ALA A 40 12.78 -2.26 16.68
N LEU A 41 12.02 -1.32 16.10
CA LEU A 41 12.41 0.12 16.00
C LEU A 41 12.57 0.70 17.42
N ILE A 42 11.70 0.28 18.34
CA ILE A 42 11.68 0.74 19.76
C ILE A 42 12.87 0.10 20.51
N ASN A 43 13.20 -1.16 20.19
CA ASN A 43 14.34 -1.90 20.80
C ASN A 43 15.62 -1.08 20.63
N ASN A 44 16.03 -0.84 19.37
CA ASN A 44 17.30 -0.18 19.00
C ASN A 44 17.02 1.28 18.59
N LEU A 45 16.09 1.96 19.29
CA LEU A 45 15.87 3.42 19.20
C LEU A 45 16.84 4.14 20.15
N PRO A 46 16.97 3.71 21.43
CA PRO A 46 18.01 4.26 22.31
C PRO A 46 19.43 3.86 21.86
N LYS A 47 19.58 2.60 21.45
CA LYS A 47 20.87 1.92 21.13
C LYS A 47 21.72 2.75 20.16
N LEU A 48 21.08 3.43 19.20
CA LEU A 48 21.79 4.15 18.10
C LEU A 48 21.77 5.66 18.36
N ASP A 49 22.87 6.33 18.00
CA ASP A 49 23.03 7.81 18.03
C ASP A 49 22.56 8.36 16.68
N ALA A 50 21.24 8.57 16.54
CA ALA A 50 20.57 9.01 15.30
C ALA A 50 19.86 10.35 15.55
N HIS A 51 20.01 11.29 14.61
CA HIS A 51 19.40 12.64 14.62
C HIS A 51 18.06 12.63 13.90
N VAL A 52 17.86 11.72 12.93
CA VAL A 52 16.71 11.70 11.98
C VAL A 52 16.27 10.25 11.70
N LEU A 53 14.98 10.06 11.37
CA LEU A 53 14.34 8.75 11.07
C LEU A 53 13.45 8.86 9.81
N ILE A 54 13.46 7.83 8.97
CA ILE A 54 12.55 7.68 7.79
C ILE A 54 11.68 6.43 8.04
N THR A 55 10.41 6.63 8.41
CA THR A 55 9.49 5.57 8.92
C THR A 55 8.21 5.48 8.05
N ASP A 56 7.68 4.27 7.94
CA ASP A 56 6.34 3.97 7.32
C ASP A 56 5.29 4.05 8.43
N LEU A 57 4.07 4.45 8.07
CA LEU A 57 2.87 4.39 8.94
C LEU A 57 2.25 2.99 8.85
N SER A 58 2.52 2.29 7.74
CA SER A 58 1.98 0.92 7.54
C SER A 58 3.07 -0.12 7.85
N MET A 59 3.50 -0.18 9.11
CA MET A 59 4.56 -1.14 9.54
C MET A 59 3.96 -2.11 10.58
N PRO A 60 4.26 -3.42 10.50
CA PRO A 60 3.72 -4.40 11.46
C PRO A 60 4.48 -4.36 12.80
N GLY A 61 3.81 -4.75 13.89
CA GLY A 61 4.41 -4.76 15.23
C GLY A 61 3.45 -5.29 16.28
N ASP A 62 3.95 -6.10 17.21
CA ASP A 62 3.10 -6.67 18.30
C ASP A 62 2.84 -5.59 19.35
N LYS A 63 3.90 -5.19 20.07
CA LYS A 63 3.86 -4.40 21.33
C LYS A 63 3.32 -2.98 21.07
N TYR A 64 3.72 -2.37 19.96
CA TYR A 64 3.39 -0.96 19.59
C TYR A 64 2.59 -0.96 18.28
N GLY A 65 1.75 0.07 18.11
CA GLY A 65 0.84 0.20 16.96
C GLY A 65 1.57 0.63 15.70
N ASP A 66 0.81 0.93 14.65
CA ASP A 66 1.31 1.46 13.36
C ASP A 66 0.71 2.85 13.13
N GLY A 67 1.37 3.66 12.30
CA GLY A 67 0.90 5.01 11.91
C GLY A 67 0.79 5.94 13.10
N ILE A 68 -0.33 6.62 13.24
CA ILE A 68 -0.56 7.68 14.26
C ILE A 68 -0.18 7.11 15.64
N THR A 69 -0.84 6.03 16.07
CA THR A 69 -0.61 5.34 17.37
C THR A 69 0.89 5.28 17.66
N LEU A 70 1.69 4.89 16.66
CA LEU A 70 3.16 4.70 16.75
C LEU A 70 3.86 6.06 16.86
N ILE A 71 3.62 6.97 15.91
CA ILE A 71 4.29 8.30 15.80
C ILE A 71 4.03 9.09 17.10
N LYS A 72 2.86 8.90 17.72
CA LYS A 72 2.46 9.49 19.02
C LYS A 72 3.42 9.00 20.11
N TYR A 73 3.83 7.73 20.06
CA TYR A 73 4.82 7.11 20.99
C TYR A 73 6.22 7.67 20.72
N ILE A 74 6.56 7.86 19.45
CA ILE A 74 7.92 8.29 19.00
C ILE A 74 8.12 9.78 19.36
N LYS A 75 7.06 10.59 19.25
CA LYS A 75 7.08 12.04 19.56
C LYS A 75 7.35 12.25 21.05
N ARG A 76 6.77 11.39 21.91
CA ARG A 76 6.83 11.52 23.40
C ARG A 76 8.10 10.83 23.94
N HIS A 77 8.26 9.53 23.68
CA HIS A 77 9.26 8.65 24.34
C HIS A 77 10.66 8.84 23.74
N PHE A 78 10.77 9.46 22.56
CA PHE A 78 12.06 9.84 21.91
C PHE A 78 11.90 11.19 21.20
N PRO A 79 11.88 12.30 21.96
CA PRO A 79 11.48 13.61 21.42
C PRO A 79 12.55 14.39 20.64
N SER A 80 13.83 14.22 21.00
CA SER A 80 15.01 14.86 20.36
C SER A 80 14.95 14.70 18.83
N LEU A 81 14.57 13.50 18.40
CA LEU A 81 14.59 12.99 17.00
C LEU A 81 13.68 13.83 16.08
N SER A 82 14.24 14.37 15.00
CA SER A 82 13.50 14.90 13.81
C SER A 82 12.96 13.71 13.02
N ILE A 83 11.72 13.79 12.51
CA ILE A 83 11.01 12.65 11.84
C ILE A 83 10.62 13.04 10.41
N ILE A 84 10.78 12.11 9.46
CA ILE A 84 10.20 12.15 8.08
C ILE A 84 9.41 10.86 7.87
N VAL A 85 8.09 10.99 7.66
CA VAL A 85 7.16 9.84 7.44
C VAL A 85 7.13 9.53 5.93
N LEU A 86 7.56 8.32 5.55
CA LEU A 86 7.62 7.82 4.15
C LEU A 86 6.65 6.66 3.99
N THR A 87 5.42 6.95 3.56
CA THR A 87 4.32 5.95 3.43
C THR A 87 3.70 5.99 2.04
N MET A 88 3.21 4.84 1.59
CA MET A 88 2.26 4.69 0.44
C MET A 88 1.00 5.51 0.70
N ASN A 89 0.54 5.53 1.96
CA ASN A 89 -0.83 5.89 2.41
C ASN A 89 -1.19 7.31 1.95
N ASN A 90 -2.49 7.58 1.75
CA ASN A 90 -3.00 8.87 1.19
C ASN A 90 -4.28 9.37 1.87
N ASN A 91 -4.93 8.56 2.72
CA ASN A 91 -6.23 8.91 3.38
C ASN A 91 -6.06 10.22 4.16
N PRO A 92 -6.53 11.37 3.63
CA PRO A 92 -6.19 12.68 4.21
C PRO A 92 -6.39 12.77 5.73
N ALA A 93 -7.45 12.13 6.24
CA ALA A 93 -7.82 12.07 7.67
C ALA A 93 -6.65 11.53 8.50
N ILE A 94 -5.93 10.53 7.96
CA ILE A 94 -4.69 9.95 8.56
C ILE A 94 -3.63 11.05 8.62
N LEU A 95 -3.26 11.58 7.45
CA LEU A 95 -2.13 12.53 7.25
C LEU A 95 -2.39 13.82 8.05
N SER A 96 -3.65 14.28 8.06
CA SER A 96 -4.15 15.39 8.91
C SER A 96 -3.61 15.32 10.34
N ALA A 97 -3.93 14.23 11.05
CA ALA A 97 -3.62 14.02 12.49
C ALA A 97 -2.11 13.77 12.63
N VAL A 98 -1.45 13.30 11.57
CA VAL A 98 0.03 13.04 11.54
C VAL A 98 0.77 14.38 11.49
N LEU A 99 0.51 15.18 10.46
CA LEU A 99 1.17 16.52 10.30
C LEU A 99 0.88 17.35 11.55
N ASP A 100 -0.09 16.91 12.37
CA ASP A 100 -0.46 17.63 13.62
C ASP A 100 0.51 17.22 14.73
N LEU A 101 1.23 16.12 14.55
CA LEU A 101 2.20 15.66 15.57
C LEU A 101 3.54 16.38 15.39
N ASP A 102 3.61 17.29 14.40
CA ASP A 102 4.81 18.13 14.10
C ASP A 102 6.02 17.31 13.64
N ILE A 103 6.14 17.10 12.33
CA ILE A 103 7.29 16.36 11.74
C ILE A 103 7.98 17.27 10.73
N GLU A 104 9.27 17.03 10.43
CA GLU A 104 10.03 17.85 9.46
C GLU A 104 9.22 17.93 8.16
N GLY A 105 8.71 16.78 7.70
CA GLY A 105 7.86 16.68 6.50
C GLY A 105 7.25 15.30 6.35
N ILE A 106 6.46 15.10 5.30
CA ILE A 106 5.84 13.79 4.92
C ILE A 106 6.16 13.53 3.44
N VAL A 107 6.83 12.41 3.15
CA VAL A 107 7.11 11.94 1.77
C VAL A 107 6.07 10.86 1.41
N LEU A 108 5.27 11.11 0.38
CA LEU A 108 4.34 10.10 -0.19
C LEU A 108 5.16 9.15 -1.08
N LYS A 109 5.21 7.86 -0.73
CA LYS A 109 5.96 6.80 -1.45
C LYS A 109 5.43 6.66 -2.88
N GLN A 110 4.24 7.20 -3.14
CA GLN A 110 3.60 7.31 -4.47
C GLN A 110 3.83 8.72 -5.07
N GLY A 111 4.76 9.50 -4.52
CA GLY A 111 5.10 10.86 -4.98
C GLY A 111 6.14 10.83 -6.08
N ALA A 112 7.01 11.84 -6.14
CA ALA A 112 8.19 11.90 -7.04
C ALA A 112 9.39 11.28 -6.36
N PRO A 113 10.43 10.83 -7.11
CA PRO A 113 11.61 10.19 -6.51
C PRO A 113 12.61 11.19 -5.92
N THR A 114 12.45 12.48 -6.25
CA THR A 114 13.27 13.61 -5.71
C THR A 114 12.52 14.28 -4.54
N ASP A 115 11.50 13.62 -3.99
CA ASP A 115 10.78 14.05 -2.76
C ASP A 115 11.75 13.97 -1.57
N LEU A 116 12.32 12.78 -1.32
CA LEU A 116 13.15 12.47 -0.13
C LEU A 116 14.45 13.26 -0.15
N PRO A 117 15.16 13.40 -1.29
CA PRO A 117 16.30 14.33 -1.39
C PRO A 117 15.93 15.78 -1.00
N LYS A 118 14.82 16.29 -1.52
CA LYS A 118 14.30 17.67 -1.24
C LYS A 118 13.79 17.75 0.20
N ALA A 119 13.33 16.61 0.77
CA ALA A 119 12.82 16.50 2.15
C ALA A 119 13.98 16.59 3.16
N LEU A 120 15.13 16.02 2.81
CA LEU A 120 16.36 16.04 3.64
C LEU A 120 17.12 17.36 3.40
N ALA A 121 17.07 17.88 2.16
CA ALA A 121 17.63 19.21 1.78
C ALA A 121 16.91 20.32 2.55
N ALA A 122 15.59 20.17 2.73
CA ALA A 122 14.72 21.10 3.49
C ALA A 122 15.07 21.05 4.98
N LEU A 123 15.14 19.86 5.56
CA LEU A 123 15.46 19.66 7.01
C LEU A 123 16.93 20.00 7.26
N GLN A 124 17.80 19.87 6.25
CA GLN A 124 19.23 20.28 6.31
C GLN A 124 19.34 21.79 6.54
N LYS A 125 18.29 22.55 6.16
CA LYS A 125 18.15 24.01 6.42
C LYS A 125 16.95 24.26 7.36
N GLY A 126 16.70 23.35 8.31
CA GLY A 126 15.67 23.46 9.36
C GLY A 126 14.29 23.85 8.83
N LYS A 127 13.87 23.25 7.71
CA LYS A 127 12.58 23.54 7.00
C LYS A 127 11.83 22.22 6.77
N LYS A 128 10.62 22.29 6.21
CA LYS A 128 9.76 21.13 5.87
C LYS A 128 9.32 21.20 4.40
N PHE A 129 9.62 20.16 3.62
CA PHE A 129 9.17 19.96 2.22
C PHE A 129 7.77 19.33 2.23
N THR A 130 6.88 19.83 1.37
CA THR A 130 5.47 19.38 1.25
C THR A 130 5.10 19.35 -0.24
N PRO A 131 5.44 18.26 -0.96
CA PRO A 131 5.13 18.14 -2.39
C PRO A 131 3.67 18.43 -2.76
N GLU A 132 3.42 18.82 -4.02
CA GLU A 132 2.08 19.13 -4.59
C GLU A 132 1.13 17.94 -4.37
N SER A 133 1.67 16.71 -4.41
CA SER A 133 0.93 15.45 -4.12
C SER A 133 0.39 15.46 -2.68
N VAL A 134 1.19 16.00 -1.74
CA VAL A 134 0.83 16.15 -0.30
C VAL A 134 -0.12 17.33 -0.16
N SER A 135 0.29 18.51 -0.66
CA SER A 135 -0.52 19.76 -0.66
C SER A 135 -1.95 19.45 -1.12
N ARG A 136 -2.09 18.69 -2.22
CA ARG A 136 -3.36 18.29 -2.84
C ARG A 136 -4.33 17.77 -1.77
N LEU A 137 -3.95 16.68 -1.08
CA LEU A 137 -4.81 15.95 -0.12
C LEU A 137 -5.02 16.77 1.16
N LEU A 138 -4.12 17.73 1.44
CA LEU A 138 -4.15 18.59 2.65
C LEU A 138 -5.30 19.62 2.55
N GLU A 139 -5.59 20.10 1.34
CA GLU A 139 -6.64 21.11 1.06
C GLU A 139 -8.02 20.58 1.48
N LYS A 140 -8.25 19.28 1.32
CA LYS A 140 -9.53 18.58 1.58
C LYS A 140 -10.15 19.03 2.91
N ILE A 141 -9.37 19.00 4.00
CA ILE A 141 -9.84 19.36 5.38
C ILE A 141 -9.73 20.87 5.58
N SER A 142 -8.84 21.54 4.83
CA SER A 142 -8.55 22.99 4.89
C SER A 142 -9.86 23.80 4.84
N ALA A 143 -10.79 23.42 3.95
CA ALA A 143 -12.12 24.06 3.80
C ALA A 143 -13.04 23.63 4.95
N GLY A 147 -12.62 22.62 17.30
CA GLY A 147 -14.06 22.84 17.02
C GLY A 147 -14.47 22.29 15.65
N ASP A 148 -14.02 22.95 14.58
CA ASP A 148 -14.39 22.65 13.17
C ASP A 148 -14.00 21.21 12.82
N LYS A 149 -12.70 20.91 12.73
CA LYS A 149 -12.14 19.58 12.38
C LYS A 149 -12.50 18.56 13.48
N ARG A 150 -12.75 19.01 14.71
CA ARG A 150 -13.08 18.18 15.89
C ARG A 150 -14.45 17.54 15.70
N LEU A 151 -14.56 16.24 16.03
CA LEU A 151 -15.82 15.45 15.97
C LEU A 151 -16.73 15.84 17.15
N SER A 152 -18.00 15.45 17.08
CA SER A 152 -19.02 15.66 18.14
C SER A 152 -19.11 14.42 19.02
N PRO A 153 -19.84 14.47 20.16
CA PRO A 153 -20.05 13.29 20.99
C PRO A 153 -20.80 12.17 20.25
N LYS A 154 -22.01 12.44 19.79
CA LYS A 154 -22.93 11.45 19.15
C LYS A 154 -22.30 10.96 17.84
N GLU A 155 -21.54 11.80 17.13
CA GLU A 155 -20.83 11.43 15.88
C GLU A 155 -19.79 10.36 16.21
N SER A 156 -18.90 10.64 17.16
CA SER A 156 -17.84 9.72 17.64
C SER A 156 -18.48 8.44 18.21
N GLU A 157 -19.61 8.59 18.92
CA GLU A 157 -20.39 7.45 19.50
C GLU A 157 -20.77 6.49 18.37
N VAL A 158 -21.29 7.02 17.26
CA VAL A 158 -21.71 6.26 16.04
C VAL A 158 -20.47 5.55 15.46
N LEU A 159 -19.47 6.33 15.04
CA LEU A 159 -18.22 5.84 14.40
C LEU A 159 -17.68 4.62 15.17
N ARG A 160 -17.71 4.66 16.51
CA ARG A 160 -17.26 3.55 17.38
C ARG A 160 -17.99 2.26 16.99
N LEU A 161 -19.32 2.31 16.92
CA LEU A 161 -20.18 1.13 16.63
C LEU A 161 -19.96 0.67 15.17
N PHE A 162 -19.88 1.60 14.22
CA PHE A 162 -19.63 1.31 12.78
C PHE A 162 -18.32 0.51 12.65
N ALA A 163 -17.28 0.91 13.37
CA ALA A 163 -15.94 0.25 13.42
C ALA A 163 -16.08 -1.12 14.10
N GLU A 164 -16.80 -1.17 15.24
CA GLU A 164 -17.12 -2.42 15.97
C GLU A 164 -17.55 -3.49 14.97
N GLY A 165 -18.36 -3.10 13.99
CA GLY A 165 -18.91 -3.97 12.93
C GLY A 165 -20.41 -3.92 12.74
N PHE A 166 -21.09 -3.16 13.61
CA PHE A 166 -22.55 -2.89 13.60
C PHE A 166 -22.83 -2.03 12.35
N LEU A 167 -23.62 -2.56 11.40
CA LEU A 167 -24.11 -1.83 10.21
C LEU A 167 -24.94 -0.62 10.64
N VAL A 168 -25.13 0.35 9.74
CA VAL A 168 -25.79 1.65 10.05
C VAL A 168 -27.16 1.37 10.69
N THR A 169 -27.98 0.55 10.02
CA THR A 169 -29.36 0.18 10.44
C THR A 169 -29.34 -0.38 11.87
N GLU A 170 -28.38 -1.28 12.17
CA GLU A 170 -28.25 -1.94 13.50
C GLU A 170 -27.97 -0.89 14.58
N ILE A 171 -27.32 0.23 14.22
CA ILE A 171 -27.00 1.35 15.14
C ILE A 171 -28.30 2.07 15.51
N ALA A 172 -29.04 2.54 14.51
CA ALA A 172 -30.36 3.21 14.65
C ALA A 172 -31.25 2.37 15.59
N LYS A 173 -31.44 1.09 15.24
CA LYS A 173 -32.18 0.07 16.03
C LYS A 173 -31.71 0.12 17.49
N LYS A 174 -30.40 0.09 17.71
CA LYS A 174 -29.75 -0.10 19.04
C LYS A 174 -29.90 1.15 19.91
N LEU A 175 -30.29 2.29 19.35
CA LEU A 175 -30.22 3.62 20.04
C LEU A 175 -31.52 4.43 19.93
N ASN A 176 -32.61 3.86 19.42
CA ASN A 176 -33.93 4.55 19.30
C ASN A 176 -33.96 5.85 18.46
N ARG A 177 -33.63 5.73 17.18
CA ARG A 177 -33.61 6.84 16.19
C ARG A 177 -33.64 6.28 14.76
N SER A 178 -33.96 7.11 13.76
CA SER A 178 -34.11 6.70 12.34
C SER A 178 -32.72 6.47 11.72
N ILE A 179 -32.68 5.78 10.58
CA ILE A 179 -31.44 5.58 9.77
C ILE A 179 -30.91 6.97 9.37
N LYS A 180 -31.83 7.86 8.96
CA LYS A 180 -31.52 9.22 8.43
C LYS A 180 -30.72 10.03 9.45
N THR A 181 -31.06 9.89 10.74
CA THR A 181 -30.36 10.53 11.89
C THR A 181 -28.89 10.10 11.90
N ILE A 182 -28.63 8.80 11.72
CA ILE A 182 -27.29 8.18 11.90
C ILE A 182 -26.42 8.50 10.67
N SER A 183 -26.95 8.31 9.46
CA SER A 183 -26.27 8.64 8.17
C SER A 183 -25.86 10.12 8.18
N SER A 184 -26.76 11.01 8.64
CA SER A 184 -26.49 12.45 8.84
C SER A 184 -25.26 12.62 9.73
N GLN A 185 -25.22 11.93 10.88
CA GLN A 185 -24.11 11.98 11.88
C GLN A 185 -22.88 11.25 11.34
N LYS A 186 -23.07 10.06 10.75
CA LYS A 186 -22.00 9.22 10.15
C LYS A 186 -21.26 10.03 9.08
N LYS A 187 -22.01 10.52 8.08
CA LYS A 187 -21.48 11.28 6.91
C LYS A 187 -21.08 12.70 7.33
N SER A 188 -21.77 13.28 8.32
CA SER A 188 -21.37 14.55 8.98
C SER A 188 -19.93 14.42 9.49
N ALA A 189 -19.69 13.39 10.32
CA ALA A 189 -18.36 13.05 10.87
C ALA A 189 -17.36 12.94 9.72
N MET A 190 -17.62 12.03 8.77
CA MET A 190 -16.77 11.77 7.59
C MET A 190 -16.32 13.11 6.99
N MET A 191 -17.27 14.04 6.79
CA MET A 191 -17.04 15.36 6.15
C MET A 191 -16.00 16.16 6.95
N LYS A 192 -16.03 16.05 8.28
CA LYS A 192 -15.05 16.74 9.19
C LYS A 192 -13.65 16.17 8.95
N LEU A 193 -13.53 14.84 9.00
CA LEU A 193 -12.25 14.08 8.95
C LEU A 193 -11.58 14.27 7.59
N GLY A 194 -12.38 14.40 6.53
CA GLY A 194 -11.91 14.60 5.14
C GLY A 194 -11.69 13.27 4.43
N VAL A 195 -12.62 12.33 4.62
CA VAL A 195 -12.62 10.97 3.99
C VAL A 195 -13.97 10.77 3.28
N GLU A 196 -13.95 10.27 2.05
CA GLU A 196 -15.16 10.06 1.20
C GLU A 196 -15.82 8.72 1.56
N ASN A 197 -15.12 7.61 1.34
CA ASN A 197 -15.66 6.22 1.38
C ASN A 197 -15.48 5.61 2.77
N ASP A 198 -16.17 4.49 3.04
CA ASP A 198 -16.21 3.80 4.36
C ASP A 198 -14.84 3.21 4.69
N ILE A 199 -14.06 2.84 3.66
CA ILE A 199 -12.72 2.19 3.82
C ILE A 199 -11.78 3.20 4.49
N ALA A 200 -11.49 4.31 3.82
CA ALA A 200 -10.51 5.34 4.24
C ALA A 200 -10.85 5.88 5.63
N LEU A 201 -12.12 5.74 6.05
CA LEU A 201 -12.60 6.09 7.41
C LEU A 201 -12.08 5.05 8.42
N LEU A 202 -12.46 3.78 8.24
CA LEU A 202 -12.07 2.66 9.16
C LEU A 202 -10.54 2.65 9.30
N ASN A 203 -9.82 2.92 8.21
CA ASN A 203 -8.34 3.01 8.16
C ASN A 203 -7.85 4.10 9.14
N TYR A 204 -8.57 5.22 9.24
CA TYR A 204 -8.30 6.31 10.21
C TYR A 204 -8.60 5.82 11.63
N LEU A 205 -9.77 5.21 11.84
CA LEU A 205 -10.31 4.82 13.17
C LEU A 205 -9.40 3.79 13.85
N SER A 206 -8.63 3.02 13.06
CA SER A 206 -7.62 2.04 13.54
C SER A 206 -6.28 2.75 13.76
N SER A 207 -5.91 3.70 12.89
CA SER A 207 -4.67 4.49 12.95
C SER A 207 -4.65 5.29 14.26
N VAL A 208 -5.82 5.73 14.74
CA VAL A 208 -6.03 6.31 16.10
C VAL A 208 -6.85 5.33 16.95
N THR A 209 -6.19 4.33 17.53
CA THR A 209 -6.79 3.28 18.39
C THR A 209 -5.78 2.83 19.44
N ASN B 2 21.73 -16.26 -21.75
CA ASN B 2 21.03 -15.51 -22.83
C ASN B 2 20.54 -14.16 -22.29
N ASN B 3 20.95 -13.06 -22.95
CA ASN B 3 20.60 -11.66 -22.62
C ASN B 3 19.07 -11.50 -22.70
N MET B 4 18.41 -11.33 -21.54
CA MET B 4 16.95 -11.13 -21.39
C MET B 4 16.67 -9.69 -20.95
N ASN B 5 16.05 -8.88 -21.82
CA ASN B 5 15.68 -7.46 -21.56
C ASN B 5 14.37 -7.44 -20.76
N VAL B 6 14.22 -6.42 -19.88
CA VAL B 6 13.14 -6.37 -18.85
C VAL B 6 12.52 -4.96 -18.83
N ILE B 7 11.21 -4.87 -18.64
CA ILE B 7 10.44 -3.65 -18.29
C ILE B 7 9.90 -3.81 -16.87
N ILE B 8 9.77 -2.71 -16.11
CA ILE B 8 9.24 -2.69 -14.72
C ILE B 8 8.04 -1.75 -14.65
N ALA B 9 7.01 -2.13 -13.89
CA ALA B 9 5.75 -1.37 -13.68
C ALA B 9 5.36 -1.41 -12.20
N ASP B 10 5.28 -0.24 -11.55
CA ASP B 10 4.84 -0.08 -10.14
C ASP B 10 4.46 1.39 -9.91
N ASP B 11 3.38 1.62 -9.16
CA ASP B 11 2.82 2.98 -8.88
C ASP B 11 3.82 3.80 -8.04
N HIS B 12 4.61 3.13 -7.20
CA HIS B 12 5.67 3.75 -6.34
C HIS B 12 6.99 3.82 -7.10
N PRO B 13 7.58 5.03 -7.30
CA PRO B 13 8.94 5.16 -7.84
C PRO B 13 10.04 4.91 -6.80
N ILE B 14 9.71 5.06 -5.51
CA ILE B 14 10.56 4.70 -4.35
C ILE B 14 10.79 3.18 -4.34
N VAL B 15 9.85 2.42 -4.94
CA VAL B 15 9.93 0.95 -5.16
C VAL B 15 10.77 0.68 -6.41
N LEU B 16 10.37 1.28 -7.53
CA LEU B 16 11.02 1.11 -8.87
C LEU B 16 12.53 1.34 -8.74
N PHE B 17 12.93 2.41 -8.05
CA PHE B 17 14.35 2.82 -7.84
C PHE B 17 15.07 1.82 -6.92
N GLY B 18 14.32 0.94 -6.25
CA GLY B 18 14.84 -0.14 -5.38
C GLY B 18 14.98 -1.47 -6.10
N ILE B 19 14.33 -1.62 -7.26
CA ILE B 19 14.41 -2.82 -8.14
C ILE B 19 15.55 -2.61 -9.15
N ARG B 20 15.55 -1.47 -9.85
CA ARG B 20 16.53 -1.10 -10.91
C ARG B 20 17.96 -1.24 -10.38
N LYS B 21 18.18 -0.96 -9.09
CA LYS B 21 19.49 -1.04 -8.40
C LYS B 21 19.82 -2.48 -8.00
N SER B 22 18.80 -3.34 -7.83
CA SER B 22 18.93 -4.75 -7.39
C SER B 22 19.22 -5.68 -8.58
N LEU B 23 18.94 -5.22 -9.81
CA LEU B 23 19.00 -6.05 -11.04
C LEU B 23 20.24 -5.72 -11.89
N GLU B 24 20.78 -4.49 -11.76
CA GLU B 24 22.00 -4.04 -12.51
C GLU B 24 23.24 -4.78 -11.97
N GLN B 25 23.12 -5.43 -10.80
CA GLN B 25 24.13 -6.39 -10.25
C GLN B 25 24.47 -7.41 -11.34
N ILE B 26 23.45 -7.88 -12.06
CA ILE B 26 23.53 -8.95 -13.10
C ILE B 26 23.88 -8.28 -14.44
N GLU B 27 24.96 -8.74 -15.09
CA GLU B 27 25.60 -8.11 -16.27
C GLU B 27 24.78 -8.36 -17.54
N TRP B 28 24.07 -9.49 -17.62
CA TRP B 28 23.29 -9.92 -18.81
C TRP B 28 21.91 -9.24 -18.83
N VAL B 29 21.36 -8.89 -17.65
CA VAL B 29 20.02 -8.24 -17.51
C VAL B 29 20.11 -6.81 -18.04
N ASN B 30 19.09 -6.39 -18.80
CA ASN B 30 18.99 -5.04 -19.43
C ASN B 30 17.59 -4.46 -19.15
N VAL B 31 17.51 -3.53 -18.21
CA VAL B 31 16.26 -2.81 -17.80
C VAL B 31 16.00 -1.68 -18.82
N VAL B 32 15.07 -1.89 -19.76
CA VAL B 32 14.90 -1.05 -20.98
C VAL B 32 13.94 0.12 -20.69
N GLY B 33 12.86 -0.11 -19.93
CA GLY B 33 11.80 0.89 -19.69
C GLY B 33 11.20 0.78 -18.30
N GLU B 34 10.67 1.89 -17.79
CA GLU B 34 9.98 2.00 -16.46
C GLU B 34 8.63 2.69 -16.68
N PHE B 35 7.60 2.29 -15.91
CA PHE B 35 6.21 2.82 -15.98
C PHE B 35 5.59 2.86 -14.58
N GLU B 36 4.50 3.61 -14.42
CA GLU B 36 3.76 3.78 -13.13
C GLU B 36 2.26 3.53 -13.31
N ASP B 37 1.78 3.28 -14.54
CA ASP B 37 0.34 3.14 -14.88
C ASP B 37 0.17 2.20 -16.08
N SER B 38 -0.99 1.54 -16.17
CA SER B 38 -1.34 0.57 -17.24
C SER B 38 -1.44 1.29 -18.59
N THR B 39 -1.89 2.54 -18.59
CA THR B 39 -2.15 3.38 -19.79
C THR B 39 -0.84 3.57 -20.57
N ALA B 40 0.16 4.22 -19.95
CA ALA B 40 1.49 4.52 -20.55
C ALA B 40 2.24 3.21 -20.83
N LEU B 41 2.00 2.17 -20.02
CA LEU B 41 2.62 0.82 -20.16
C LEU B 41 2.20 0.19 -21.49
N ILE B 42 0.89 -0.02 -21.68
CA ILE B 42 0.30 -0.67 -22.88
C ILE B 42 0.70 0.11 -24.13
N ASN B 43 0.72 1.45 -24.05
CA ASN B 43 1.11 2.36 -25.16
C ASN B 43 2.52 2.05 -25.65
N ASN B 44 3.50 2.01 -24.74
CA ASN B 44 4.95 1.96 -25.05
C ASN B 44 5.48 0.52 -24.90
N LEU B 45 4.63 -0.49 -25.09
CA LEU B 45 5.00 -1.93 -25.08
C LEU B 45 5.53 -2.35 -26.46
N PRO B 46 4.83 -2.06 -27.57
CA PRO B 46 5.32 -2.42 -28.91
C PRO B 46 6.65 -1.73 -29.28
N LYS B 47 6.78 -0.45 -28.91
CA LYS B 47 7.92 0.44 -29.25
C LYS B 47 9.22 -0.02 -28.57
N LEU B 48 9.11 -0.88 -27.55
CA LEU B 48 10.27 -1.41 -26.77
C LEU B 48 10.22 -2.94 -26.76
N ASP B 49 11.26 -3.60 -27.29
CA ASP B 49 11.41 -5.09 -27.31
C ASP B 49 11.62 -5.57 -25.87
N ALA B 50 10.81 -6.53 -25.42
CA ALA B 50 10.82 -7.09 -24.04
C ALA B 50 10.55 -8.60 -24.08
N HIS B 51 11.43 -9.39 -23.47
CA HIS B 51 11.28 -10.85 -23.28
C HIS B 51 10.44 -11.11 -22.03
N VAL B 52 10.76 -10.44 -20.91
CA VAL B 52 10.14 -10.65 -19.56
C VAL B 52 9.68 -9.30 -18.98
N LEU B 53 8.97 -9.33 -17.86
CA LEU B 53 8.34 -8.15 -17.21
C LEU B 53 8.13 -8.41 -15.70
N ILE B 54 8.49 -7.42 -14.86
CA ILE B 54 8.25 -7.39 -13.39
C ILE B 54 7.21 -6.30 -13.08
N THR B 55 5.92 -6.62 -13.26
CA THR B 55 4.77 -5.69 -13.21
C THR B 55 3.96 -5.88 -11.92
N ASP B 56 3.36 -4.80 -11.43
CA ASP B 56 2.62 -4.73 -10.14
C ASP B 56 1.21 -5.31 -10.35
N LEU B 57 0.50 -5.60 -9.26
CA LEU B 57 -0.91 -6.07 -9.23
C LEU B 57 -1.85 -4.87 -9.10
N SER B 58 -1.66 -4.03 -8.07
CA SER B 58 -2.51 -2.86 -7.73
C SER B 58 -1.89 -1.57 -8.28
N MET B 59 -2.46 -1.01 -9.35
CA MET B 59 -1.90 0.15 -10.10
C MET B 59 -3.02 1.07 -10.56
N PRO B 60 -2.68 2.31 -10.99
CA PRO B 60 -3.64 3.17 -11.69
C PRO B 60 -3.75 2.83 -13.18
N GLY B 61 -4.99 2.68 -13.67
CA GLY B 61 -5.32 2.34 -15.07
C GLY B 61 -6.31 3.34 -15.65
N ASP B 62 -5.79 4.48 -16.12
CA ASP B 62 -6.55 5.60 -16.75
C ASP B 62 -7.67 5.02 -17.63
N LYS B 63 -7.35 4.01 -18.46
CA LYS B 63 -8.28 3.34 -19.39
C LYS B 63 -8.16 1.81 -19.28
N TYR B 64 -6.96 1.26 -19.50
CA TYR B 64 -6.70 -0.17 -19.81
C TYR B 64 -6.72 -1.04 -18.55
N GLY B 65 -6.93 -0.44 -17.36
CA GLY B 65 -7.25 -1.15 -16.11
C GLY B 65 -6.02 -1.74 -15.43
N ASP B 66 -6.17 -2.25 -14.20
CA ASP B 66 -5.10 -2.80 -13.35
C ASP B 66 -5.53 -4.15 -12.77
N GLY B 67 -4.56 -5.04 -12.51
CA GLY B 67 -4.75 -6.33 -11.83
C GLY B 67 -4.96 -7.49 -12.82
N ILE B 68 -5.65 -8.55 -12.38
CA ILE B 68 -5.99 -9.75 -13.18
C ILE B 68 -6.64 -9.34 -14.52
N THR B 69 -7.38 -8.22 -14.51
CA THR B 69 -7.90 -7.53 -15.72
C THR B 69 -6.73 -7.17 -16.64
N LEU B 70 -5.75 -6.43 -16.12
CA LEU B 70 -4.56 -5.94 -16.87
C LEU B 70 -3.66 -7.12 -17.28
N ILE B 71 -3.56 -8.15 -16.43
CA ILE B 71 -2.70 -9.35 -16.68
C ILE B 71 -3.18 -10.05 -17.95
N LYS B 72 -4.47 -10.39 -18.03
CA LYS B 72 -5.06 -11.25 -19.10
C LYS B 72 -5.31 -10.43 -20.38
N TYR B 73 -5.22 -9.09 -20.33
CA TYR B 73 -5.26 -8.20 -21.53
C TYR B 73 -3.86 -8.09 -22.13
N ILE B 74 -2.81 -8.24 -21.30
CA ILE B 74 -1.39 -8.31 -21.76
C ILE B 74 -1.11 -9.73 -22.27
N LYS B 75 -1.61 -10.76 -21.60
CA LYS B 75 -1.48 -12.19 -21.98
C LYS B 75 -2.05 -12.40 -23.39
N ARG B 76 -3.24 -11.85 -23.67
CA ARG B 76 -3.98 -11.99 -24.96
C ARG B 76 -3.29 -11.16 -26.04
N HIS B 77 -3.12 -9.85 -25.81
CA HIS B 77 -2.56 -8.87 -26.80
C HIS B 77 -1.04 -8.97 -26.84
N PHE B 78 -0.40 -9.61 -25.86
CA PHE B 78 1.07 -9.83 -25.80
C PHE B 78 1.37 -11.20 -25.19
N PRO B 79 1.22 -12.31 -25.96
CA PRO B 79 1.74 -13.61 -25.55
C PRO B 79 3.25 -13.70 -25.75
N SER B 80 3.82 -12.68 -26.41
CA SER B 80 5.27 -12.44 -26.63
C SER B 80 6.02 -12.36 -25.28
N LEU B 81 5.35 -11.86 -24.24
CA LEU B 81 5.96 -11.40 -22.96
C LEU B 81 5.77 -12.44 -21.85
N SER B 82 6.70 -12.47 -20.89
CA SER B 82 6.65 -13.27 -19.64
C SER B 82 6.46 -12.34 -18.44
N ILE B 83 5.39 -12.53 -17.67
CA ILE B 83 4.88 -11.56 -16.64
C ILE B 83 5.22 -12.09 -15.24
N ILE B 84 5.84 -11.24 -14.41
CA ILE B 84 6.14 -11.50 -12.96
C ILE B 84 5.32 -10.51 -12.11
N VAL B 85 4.48 -11.03 -11.21
CA VAL B 85 3.52 -10.24 -10.38
C VAL B 85 4.17 -9.86 -9.05
N LEU B 86 4.53 -8.59 -8.87
CA LEU B 86 5.17 -8.03 -7.65
C LEU B 86 4.14 -7.19 -6.88
N THR B 87 3.55 -7.76 -5.81
CA THR B 87 2.47 -7.11 -5.00
C THR B 87 2.85 -7.08 -3.51
N MET B 88 2.31 -6.11 -2.79
CA MET B 88 2.40 -5.99 -1.31
C MET B 88 1.25 -6.80 -0.67
N ASN B 89 0.32 -7.29 -1.49
CA ASN B 89 -0.85 -8.08 -1.02
C ASN B 89 -0.38 -9.40 -0.41
N ASN B 90 -0.37 -9.46 0.93
CA ASN B 90 0.00 -10.65 1.73
C ASN B 90 -1.22 -11.57 1.90
N ASN B 91 -2.41 -11.08 1.49
CA ASN B 91 -3.70 -11.79 1.72
C ASN B 91 -3.74 -13.06 0.87
N PRO B 92 -4.14 -14.22 1.45
CA PRO B 92 -4.24 -15.47 0.70
C PRO B 92 -5.47 -15.47 -0.21
N ALA B 93 -6.66 -15.26 0.37
CA ALA B 93 -7.97 -15.28 -0.30
C ALA B 93 -7.87 -14.57 -1.66
N ILE B 94 -7.21 -13.41 -1.71
CA ILE B 94 -6.99 -12.60 -2.95
C ILE B 94 -5.96 -13.31 -3.83
N LEU B 95 -4.72 -13.41 -3.33
CA LEU B 95 -3.55 -13.98 -4.06
C LEU B 95 -3.88 -15.38 -4.60
N SER B 96 -4.87 -16.05 -4.00
CA SER B 96 -5.45 -17.36 -4.44
C SER B 96 -5.58 -17.55 -5.96
N ALA B 97 -6.35 -16.68 -6.61
CA ALA B 97 -6.69 -16.79 -8.06
C ALA B 97 -5.51 -16.19 -8.83
N VAL B 98 -4.74 -15.29 -8.20
CA VAL B 98 -3.53 -14.64 -8.79
C VAL B 98 -2.50 -15.71 -9.13
N LEU B 99 -2.43 -16.78 -8.35
CA LEU B 99 -1.57 -17.97 -8.61
C LEU B 99 -2.08 -18.70 -9.86
N ASP B 100 -3.38 -18.96 -9.92
CA ASP B 100 -4.05 -19.75 -10.99
C ASP B 100 -3.93 -19.03 -12.34
N LEU B 101 -3.73 -17.70 -12.33
CA LEU B 101 -3.69 -16.83 -13.54
C LEU B 101 -2.72 -17.38 -14.60
N ASP B 102 -1.68 -18.12 -14.18
CA ASP B 102 -0.54 -18.53 -15.05
C ASP B 102 0.50 -17.49 -15.51
N ILE B 103 1.23 -16.93 -14.54
CA ILE B 103 2.25 -15.88 -14.82
C ILE B 103 3.64 -16.53 -14.80
N GLU B 104 4.65 -15.79 -15.28
CA GLU B 104 6.05 -16.29 -15.31
C GLU B 104 6.53 -16.58 -13.89
N GLY B 105 6.37 -15.61 -12.99
CA GLY B 105 6.81 -15.76 -11.57
C GLY B 105 6.10 -14.71 -10.70
N ILE B 106 6.03 -14.97 -9.39
CA ILE B 106 5.38 -14.03 -8.44
C ILE B 106 6.38 -13.67 -7.34
N VAL B 107 6.46 -12.38 -6.97
CA VAL B 107 7.40 -11.91 -5.91
C VAL B 107 6.64 -11.01 -4.94
N LEU B 108 6.90 -11.15 -3.64
CA LEU B 108 6.24 -10.33 -2.60
C LEU B 108 7.16 -9.16 -2.23
N LYS B 109 6.58 -7.99 -1.98
CA LYS B 109 7.32 -6.77 -1.55
C LYS B 109 7.89 -7.01 -0.15
N GLN B 110 7.09 -7.62 0.74
CA GLN B 110 7.47 -7.98 2.13
C GLN B 110 8.28 -9.29 2.15
N GLY B 111 8.67 -9.80 0.98
CA GLY B 111 9.64 -10.90 0.83
C GLY B 111 11.03 -10.36 0.57
N ALA B 112 12.07 -11.05 1.05
CA ALA B 112 13.49 -10.64 1.03
C ALA B 112 13.88 -10.03 -0.32
N PRO B 113 14.76 -9.00 -0.34
CA PRO B 113 14.98 -8.20 -1.54
C PRO B 113 15.33 -9.01 -2.79
N THR B 114 16.22 -10.00 -2.66
CA THR B 114 16.69 -10.88 -3.77
C THR B 114 15.78 -12.11 -3.89
N ASP B 115 14.47 -11.93 -3.75
CA ASP B 115 13.42 -12.92 -4.16
C ASP B 115 13.09 -12.68 -5.63
N LEU B 116 13.51 -11.53 -6.19
CA LEU B 116 13.22 -11.12 -7.59
C LEU B 116 14.33 -11.65 -8.53
N PRO B 117 15.63 -11.34 -8.31
CA PRO B 117 16.70 -12.04 -9.05
C PRO B 117 16.60 -13.57 -9.07
N LYS B 118 16.14 -14.19 -7.97
CA LYS B 118 16.00 -15.65 -7.78
C LYS B 118 14.66 -16.15 -8.34
N ALA B 119 13.92 -15.29 -9.04
CA ALA B 119 12.78 -15.64 -9.92
C ALA B 119 13.05 -15.15 -11.35
N LEU B 120 14.25 -14.60 -11.60
CA LEU B 120 14.77 -14.28 -12.96
C LEU B 120 15.72 -15.38 -13.42
N ALA B 121 16.17 -16.23 -12.50
CA ALA B 121 16.96 -17.45 -12.78
C ALA B 121 16.00 -18.62 -13.07
N ALA B 122 15.02 -18.84 -12.19
CA ALA B 122 14.03 -19.95 -12.22
C ALA B 122 13.22 -19.91 -13.52
N LEU B 123 13.04 -18.71 -14.10
CA LEU B 123 12.36 -18.51 -15.40
C LEU B 123 13.33 -18.80 -16.54
N GLN B 124 14.57 -18.29 -16.45
CA GLN B 124 15.63 -18.41 -17.49
C GLN B 124 15.91 -19.89 -17.78
N LYS B 125 15.86 -20.75 -16.75
CA LYS B 125 16.03 -22.22 -16.83
C LYS B 125 14.67 -22.90 -16.67
N GLY B 126 13.78 -22.75 -17.67
CA GLY B 126 12.43 -23.34 -17.68
C GLY B 126 11.49 -22.65 -16.71
N GLU B 132 9.23 -20.11 -9.92
CA GLU B 132 10.19 -19.55 -8.93
C GLU B 132 9.60 -19.69 -7.52
N SER B 133 9.03 -18.59 -6.97
CA SER B 133 8.40 -18.55 -5.63
C SER B 133 6.88 -18.71 -5.73
N VAL B 134 6.39 -19.22 -6.87
CA VAL B 134 4.96 -19.61 -7.09
C VAL B 134 4.72 -21.01 -6.52
N SER B 135 5.78 -21.81 -6.37
CA SER B 135 5.78 -23.12 -5.68
C SER B 135 5.79 -22.89 -4.17
N ARG B 136 6.74 -22.10 -3.68
CA ARG B 136 6.93 -21.74 -2.25
C ARG B 136 5.67 -21.05 -1.70
N LEU B 137 5.01 -20.24 -2.51
CA LEU B 137 3.73 -19.55 -2.18
C LEU B 137 2.61 -20.59 -2.11
N LEU B 138 2.38 -21.35 -3.19
CA LEU B 138 1.31 -22.34 -3.35
C LEU B 138 1.45 -23.46 -2.29
N GLU B 139 2.68 -23.93 -2.07
CA GLU B 139 3.02 -25.02 -1.12
C GLU B 139 3.03 -24.50 0.32
N LYS B 140 2.97 -23.18 0.51
CA LYS B 140 2.71 -22.49 1.80
C LYS B 140 1.23 -22.14 1.92
N ILE B 141 0.61 -21.73 0.80
CA ILE B 141 -0.82 -21.29 0.71
C ILE B 141 -1.75 -22.48 0.88
N SER B 142 -1.49 -23.57 0.16
CA SER B 142 -2.27 -24.84 0.20
C SER B 142 -2.05 -25.54 1.55
N ALA B 143 -0.85 -25.39 2.13
CA ALA B 143 -0.41 -26.03 3.40
C ALA B 143 -0.67 -25.10 4.59
N GLY B 144 -1.18 -23.88 4.36
CA GLY B 144 -1.46 -22.86 5.40
C GLY B 144 -2.64 -23.32 6.27
N GLY B 145 -3.77 -23.64 5.65
CA GLY B 145 -5.06 -23.92 6.33
C GLY B 145 -6.10 -22.84 6.03
N TYR B 146 -6.02 -22.24 4.84
CA TYR B 146 -7.00 -21.28 4.29
C TYR B 146 -7.35 -21.69 2.85
N GLY B 147 -7.64 -22.98 2.65
CA GLY B 147 -8.00 -23.59 1.35
C GLY B 147 -9.49 -23.51 1.08
N ASP B 148 -10.31 -23.37 2.14
CA ASP B 148 -11.78 -23.19 2.10
C ASP B 148 -12.11 -21.76 1.67
N LYS B 149 -11.14 -20.84 1.79
CA LYS B 149 -11.23 -19.42 1.38
C LYS B 149 -10.37 -19.20 0.12
N ARG B 150 -10.63 -19.97 -0.95
CA ARG B 150 -10.00 -19.85 -2.28
C ARG B 150 -10.98 -19.15 -3.23
N LEU B 151 -10.65 -17.93 -3.67
CA LEU B 151 -11.53 -17.07 -4.52
C LEU B 151 -11.23 -17.30 -6.00
N SER B 152 -12.11 -16.79 -6.87
CA SER B 152 -12.03 -16.90 -8.34
C SER B 152 -11.27 -15.70 -8.87
N PRO B 153 -10.78 -15.72 -10.14
CA PRO B 153 -10.07 -14.59 -10.74
C PRO B 153 -10.88 -13.27 -10.81
N LYS B 154 -12.21 -13.33 -10.62
CA LYS B 154 -13.12 -12.16 -10.60
C LYS B 154 -13.30 -11.64 -9.17
N GLU B 155 -13.58 -12.54 -8.21
CA GLU B 155 -13.79 -12.19 -6.77
C GLU B 155 -12.51 -11.55 -6.20
N SER B 156 -11.34 -12.09 -6.55
CA SER B 156 -10.00 -11.58 -6.18
C SER B 156 -9.79 -10.17 -6.77
N GLU B 157 -10.30 -9.96 -7.98
CA GLU B 157 -10.25 -8.65 -8.68
C GLU B 157 -11.23 -7.67 -8.03
N VAL B 158 -12.39 -8.16 -7.59
CA VAL B 158 -13.49 -7.33 -6.99
C VAL B 158 -13.07 -6.89 -5.58
N LEU B 159 -12.81 -7.83 -4.68
CA LEU B 159 -12.48 -7.55 -3.26
C LEU B 159 -11.25 -6.65 -3.18
N ARG B 160 -10.21 -6.93 -3.97
CA ARG B 160 -8.98 -6.10 -4.07
C ARG B 160 -9.39 -4.63 -4.15
N LEU B 161 -10.19 -4.27 -5.15
CA LEU B 161 -10.61 -2.87 -5.47
C LEU B 161 -11.57 -2.31 -4.41
N PHE B 162 -12.38 -3.16 -3.77
CA PHE B 162 -13.29 -2.74 -2.67
C PHE B 162 -12.44 -2.19 -1.51
N ALA B 163 -11.43 -2.96 -1.08
CA ALA B 163 -10.52 -2.67 0.06
C ALA B 163 -9.51 -1.57 -0.33
N GLU B 164 -9.22 -1.42 -1.62
CA GLU B 164 -8.37 -0.31 -2.18
C GLU B 164 -9.04 1.04 -1.89
N GLY B 165 -10.36 1.05 -1.66
CA GLY B 165 -11.13 2.25 -1.29
C GLY B 165 -11.96 2.78 -2.46
N PHE B 166 -12.42 1.90 -3.34
CA PHE B 166 -13.44 2.20 -4.38
C PHE B 166 -14.80 1.74 -3.86
N LEU B 167 -15.87 2.31 -4.42
CA LEU B 167 -17.28 1.89 -4.18
C LEU B 167 -17.62 0.74 -5.13
N VAL B 168 -18.72 0.03 -4.85
CA VAL B 168 -19.24 -1.07 -5.72
C VAL B 168 -19.32 -0.54 -7.16
N THR B 169 -20.14 0.51 -7.37
CA THR B 169 -20.53 1.07 -8.69
C THR B 169 -19.32 1.60 -9.46
N GLU B 170 -18.25 1.99 -8.76
CA GLU B 170 -16.98 2.49 -9.38
C GLU B 170 -16.17 1.31 -9.91
N ILE B 171 -16.40 0.10 -9.37
CA ILE B 171 -15.74 -1.16 -9.84
C ILE B 171 -16.48 -1.64 -11.09
N ALA B 172 -17.79 -1.45 -11.16
CA ALA B 172 -18.62 -1.73 -12.37
C ALA B 172 -18.12 -0.86 -13.52
N LYS B 173 -18.02 0.46 -13.30
CA LYS B 173 -17.50 1.47 -14.26
C LYS B 173 -16.07 1.12 -14.64
N LYS B 174 -15.28 0.59 -13.69
CA LYS B 174 -13.86 0.18 -13.88
C LYS B 174 -13.76 -0.97 -14.90
N LEU B 175 -14.58 -2.01 -14.73
CA LEU B 175 -14.40 -3.35 -15.36
C LEU B 175 -15.43 -3.61 -16.47
N ASN B 176 -16.42 -2.72 -16.65
CA ASN B 176 -17.55 -2.88 -17.60
C ASN B 176 -18.49 -4.00 -17.11
N ARG B 177 -19.23 -3.72 -16.04
CA ARG B 177 -20.33 -4.55 -15.50
C ARG B 177 -21.35 -3.61 -14.87
N SER B 178 -22.43 -4.15 -14.29
CA SER B 178 -23.40 -3.39 -13.45
C SER B 178 -23.25 -3.72 -11.96
N ILE B 179 -23.71 -2.81 -11.08
CA ILE B 179 -23.76 -2.99 -9.62
C ILE B 179 -24.32 -4.38 -9.29
N LYS B 180 -25.35 -4.81 -10.01
CA LYS B 180 -26.02 -6.14 -9.86
C LYS B 180 -25.00 -7.26 -10.06
N THR B 181 -24.17 -7.14 -11.10
CA THR B 181 -23.08 -8.09 -11.46
C THR B 181 -22.06 -8.18 -10.32
N ILE B 182 -21.57 -7.00 -9.88
CA ILE B 182 -20.43 -6.87 -8.93
C ILE B 182 -20.89 -7.26 -7.52
N SER B 183 -22.08 -6.82 -7.09
CA SER B 183 -22.73 -7.24 -5.82
C SER B 183 -22.57 -8.75 -5.65
N SER B 184 -23.04 -9.50 -6.64
CA SER B 184 -23.01 -10.99 -6.71
C SER B 184 -21.58 -11.50 -6.46
N GLN B 185 -20.58 -10.91 -7.13
CA GLN B 185 -19.15 -11.34 -7.09
C GLN B 185 -18.52 -11.00 -5.73
N LYS B 186 -19.01 -9.97 -5.03
CA LYS B 186 -18.60 -9.60 -3.66
C LYS B 186 -19.41 -10.44 -2.65
N LYS B 187 -20.74 -10.38 -2.74
CA LYS B 187 -21.69 -11.13 -1.89
C LYS B 187 -21.35 -12.62 -1.91
N SER B 188 -20.93 -13.13 -3.08
CA SER B 188 -20.40 -14.51 -3.27
C SER B 188 -19.10 -14.66 -2.49
N ALA B 189 -18.13 -13.77 -2.75
CA ALA B 189 -16.76 -13.77 -2.18
C ALA B 189 -16.81 -13.68 -0.65
N MET B 190 -17.82 -13.00 -0.11
CA MET B 190 -18.06 -12.85 1.35
C MET B 190 -18.46 -14.20 1.96
N MET B 191 -19.41 -14.90 1.34
CA MET B 191 -19.92 -16.23 1.80
C MET B 191 -18.78 -17.26 1.77
N LYS B 192 -17.92 -17.20 0.75
CA LYS B 192 -16.70 -18.04 0.63
C LYS B 192 -15.83 -17.86 1.88
N LEU B 193 -15.63 -16.61 2.32
CA LEU B 193 -14.81 -16.25 3.50
C LEU B 193 -15.63 -16.44 4.78
N GLY B 194 -16.96 -16.29 4.71
CA GLY B 194 -17.88 -16.47 5.84
C GLY B 194 -17.91 -15.24 6.73
N VAL B 195 -18.19 -14.07 6.13
CA VAL B 195 -18.30 -12.74 6.82
C VAL B 195 -19.65 -12.12 6.44
N GLU B 196 -20.27 -11.39 7.38
CA GLU B 196 -21.63 -10.83 7.25
C GLU B 196 -21.55 -9.35 6.81
N ASN B 197 -20.67 -8.57 7.42
CA ASN B 197 -20.53 -7.10 7.19
C ASN B 197 -19.19 -6.83 6.48
N ASP B 198 -18.95 -5.56 6.13
CA ASP B 198 -17.72 -5.08 5.45
C ASP B 198 -16.55 -5.06 6.45
N ILE B 199 -16.78 -4.50 7.64
CA ILE B 199 -15.78 -4.38 8.73
C ILE B 199 -15.09 -5.74 8.93
N ALA B 200 -15.88 -6.80 9.11
CA ALA B 200 -15.42 -8.19 9.33
C ALA B 200 -14.73 -8.73 8.07
N LEU B 201 -15.18 -8.29 6.88
CA LEU B 201 -14.56 -8.63 5.58
C LEU B 201 -13.13 -8.07 5.53
N LEU B 202 -12.99 -6.75 5.71
CA LEU B 202 -11.69 -6.03 5.65
C LEU B 202 -10.74 -6.54 6.74
N ASN B 203 -11.29 -7.07 7.85
CA ASN B 203 -10.54 -7.76 8.93
C ASN B 203 -9.87 -9.03 8.38
N TYR B 204 -10.58 -9.77 7.50
CA TYR B 204 -10.10 -11.02 6.86
C TYR B 204 -9.26 -10.70 5.61
N LEU B 205 -9.23 -9.41 5.19
CA LEU B 205 -8.44 -8.91 4.03
C LEU B 205 -7.17 -8.19 4.52
N SER B 206 -7.03 -8.04 5.83
CA SER B 206 -5.78 -7.58 6.52
C SER B 206 -5.13 -8.76 7.24
N SER B 207 -5.91 -9.54 8.00
CA SER B 207 -5.46 -10.75 8.75
C SER B 207 -5.00 -11.83 7.76
N VAL B 208 -3.68 -12.04 7.67
CA VAL B 208 -3.01 -12.89 6.67
C VAL B 208 -1.53 -13.08 7.03
#